data_8H92
#
_entry.id   8H92
#
_cell.length_a   66.840
_cell.length_b   84.578
_cell.length_c   95.139
_cell.angle_alpha   90.000
_cell.angle_beta   90.000
_cell.angle_gamma   90.000
#
_symmetry.space_group_name_H-M   'P 21 21 21'
#
loop_
_entity.id
_entity.type
_entity.pdbx_description
1 polymer 'triphosphate tunel metalloenzyme 3-like'
2 non-polymer 'SULFATE ION'
3 non-polymer 'MAGNESIUM ION'
4 water water
#
_entity_poly.entity_id   1
_entity_poly.type   'polypeptide(L)'
_entity_poly.pdbx_seq_one_letter_code
;MHSMGTELKLRIRDSTAHCRLTKLLSAFHVETQHQENFFFDGANNELSSQQVVLFLRFYGDDTPQCFMSLKARAVLDEGV
YRVDEEVEENFEPAVGRACVAQPEKLSSVECGILKMLKEKFGVLNFVGLGGFVNVRDVYKWEGLKLEVDKTLYEFGTNHE
IEYETSDPEGVKKVLEEFLKENGIQYSYSQASKFEVFRSKKLPQSVN
;
_entity_poly.pdbx_strand_id   A,B
#
# COMPACT_ATOMS: atom_id res chain seq x y z
N THR A 6 9.61 8.84 -23.01
CA THR A 6 9.70 7.56 -23.72
C THR A 6 10.42 6.54 -22.84
N GLU A 7 9.78 5.41 -22.56
CA GLU A 7 10.34 4.45 -21.62
C GLU A 7 9.96 3.03 -22.05
N LEU A 8 10.77 2.08 -21.59
CA LEU A 8 10.50 0.66 -21.76
C LEU A 8 9.68 0.15 -20.57
N LYS A 9 8.68 -0.70 -20.85
CA LYS A 9 7.70 -1.14 -19.85
C LYS A 9 7.41 -2.64 -20.03
N LEU A 10 7.98 -3.46 -19.15
CA LEU A 10 7.83 -4.92 -19.22
C LEU A 10 7.04 -5.40 -18.02
N ARG A 11 6.07 -6.27 -18.26
CA ARG A 11 5.37 -6.95 -17.17
C ARG A 11 6.17 -8.14 -16.69
N ILE A 12 6.49 -8.19 -15.41
CA ILE A 12 7.12 -9.37 -14.81
C ILE A 12 6.05 -10.42 -14.54
N ARG A 13 6.36 -11.70 -14.80
CA ARG A 13 5.30 -12.71 -14.89
C ARG A 13 4.54 -12.89 -13.57
N ASP A 14 5.24 -12.96 -12.44
CA ASP A 14 4.59 -13.18 -11.16
C ASP A 14 5.53 -12.77 -10.03
N SER A 15 5.05 -12.96 -8.81
CA SER A 15 5.83 -12.60 -7.63
C SER A 15 7.21 -13.28 -7.62
N THR A 16 7.31 -14.56 -8.01
CA THR A 16 8.62 -15.22 -7.88
C THR A 16 9.63 -14.64 -8.87
N ALA A 17 9.19 -14.32 -10.09
CA ALA A 17 10.07 -13.63 -11.03
C ALA A 17 10.51 -12.28 -10.45
N HIS A 18 9.56 -11.55 -9.86
CA HIS A 18 9.86 -10.25 -9.27
C HIS A 18 10.87 -10.40 -8.15
N CYS A 19 10.73 -11.47 -7.37
CA CYS A 19 11.65 -11.79 -6.29
C CYS A 19 13.06 -12.10 -6.81
N ARG A 20 13.16 -12.96 -7.84
CA ARG A 20 14.46 -13.26 -8.43
C ARG A 20 15.14 -11.98 -8.88
N LEU A 21 14.37 -11.11 -9.55
CA LEU A 21 14.94 -9.87 -10.06
C LEU A 21 15.38 -8.95 -8.92
N THR A 22 14.55 -8.85 -7.88
CA THR A 22 14.90 -8.08 -6.70
C THR A 22 16.25 -8.50 -6.11
N LYS A 23 16.47 -9.80 -5.99
CA LYS A 23 17.73 -10.20 -5.39
C LYS A 23 18.89 -10.10 -6.39
N LEU A 24 18.65 -10.45 -7.65
CA LEU A 24 19.65 -10.25 -8.69
C LEU A 24 20.26 -8.85 -8.62
N LEU A 25 19.40 -7.83 -8.54
CA LEU A 25 19.78 -6.44 -8.62
C LEU A 25 19.98 -5.76 -7.26
N SER A 26 19.89 -6.51 -6.14
CA SER A 26 19.88 -5.91 -4.81
C SER A 26 21.05 -4.95 -4.57
N ALA A 27 22.24 -5.30 -5.05
CA ALA A 27 23.41 -4.44 -4.83
C ALA A 27 23.20 -3.03 -5.36
N PHE A 28 22.40 -2.85 -6.41
CA PHE A 28 22.25 -1.55 -7.04
C PHE A 28 21.06 -0.79 -6.48
N HIS A 29 20.45 -1.33 -5.43
CA HIS A 29 19.25 -0.72 -4.88
C HIS A 29 19.64 0.60 -4.21
N VAL A 30 18.93 1.67 -4.59
CA VAL A 30 19.16 2.98 -3.99
C VAL A 30 17.91 3.57 -3.36
N GLU A 31 16.71 3.03 -3.64
CA GLU A 31 15.57 3.70 -3.02
C GLU A 31 14.32 2.83 -3.10
N THR A 32 13.46 2.96 -2.10
CA THR A 32 12.09 2.46 -2.20
C THR A 32 11.08 3.58 -1.93
N GLN A 33 10.13 3.75 -2.84
CA GLN A 33 9.01 4.67 -2.67
C GLN A 33 7.72 3.89 -2.52
N HIS A 34 6.99 4.15 -1.44
CA HIS A 34 5.64 3.62 -1.30
C HIS A 34 4.71 4.72 -1.81
N GLN A 35 4.28 4.56 -3.05
CA GLN A 35 3.52 5.58 -3.75
C GLN A 35 2.03 5.35 -3.54
N GLU A 36 1.31 6.40 -3.13
CA GLU A 36 -0.16 6.38 -3.18
C GLU A 36 -0.58 7.30 -4.33
N ASN A 37 -1.20 6.71 -5.36
CA ASN A 37 -1.72 7.45 -6.51
C ASN A 37 -3.22 7.58 -6.37
N PHE A 38 -3.73 8.78 -6.54
CA PHE A 38 -5.16 9.03 -6.50
C PHE A 38 -5.54 9.81 -7.75
N PHE A 39 -6.60 9.36 -8.41
CA PHE A 39 -6.97 9.89 -9.71
C PHE A 39 -8.23 10.76 -9.65
N PHE A 40 -8.31 11.72 -10.58
CA PHE A 40 -9.39 12.68 -10.60
C PHE A 40 -9.85 12.89 -12.02
N ASP A 41 -11.14 13.21 -12.16
CA ASP A 41 -11.70 13.62 -13.44
C ASP A 41 -12.84 14.60 -13.18
N GLY A 42 -13.40 15.18 -14.25
CA GLY A 42 -14.65 15.91 -14.13
C GLY A 42 -15.86 14.98 -14.03
N ALA A 43 -17.01 15.58 -13.71
CA ALA A 43 -18.21 14.78 -13.55
C ALA A 43 -18.69 14.15 -14.86
N ASN A 44 -18.23 14.65 -16.01
CA ASN A 44 -18.65 14.15 -17.31
C ASN A 44 -17.53 13.42 -18.05
N ASN A 45 -16.56 12.88 -17.31
CA ASN A 45 -15.41 12.19 -17.89
C ASN A 45 -14.73 13.07 -18.94
N GLU A 46 -14.74 14.38 -18.68
CA GLU A 46 -14.17 15.34 -19.61
C GLU A 46 -12.75 14.93 -19.99
N LEU A 47 -11.96 14.56 -18.98
CA LEU A 47 -10.53 14.29 -19.18
C LEU A 47 -10.30 12.95 -19.85
N SER A 48 -10.96 11.89 -19.35
CA SER A 48 -10.67 10.58 -19.91
C SER A 48 -11.12 10.45 -21.35
N SER A 49 -12.18 11.17 -21.73
CA SER A 49 -12.58 11.20 -23.14
C SER A 49 -11.55 11.88 -24.01
N GLN A 50 -10.60 12.61 -23.46
CA GLN A 50 -9.48 13.11 -24.24
C GLN A 50 -8.19 12.35 -24.00
N GLN A 51 -8.23 11.09 -23.51
CA GLN A 51 -6.97 10.37 -23.22
C GLN A 51 -6.13 11.10 -22.17
N VAL A 52 -6.76 11.78 -21.21
CA VAL A 52 -6.00 12.63 -20.29
C VAL A 52 -6.13 12.08 -18.89
N VAL A 53 -5.01 12.01 -18.17
CA VAL A 53 -4.96 11.44 -16.83
C VAL A 53 -4.46 12.49 -15.86
N LEU A 54 -5.18 12.64 -14.74
CA LEU A 54 -4.85 13.62 -13.70
C LEU A 54 -4.74 12.93 -12.35
N PHE A 55 -3.57 12.99 -11.72
CA PHE A 55 -3.43 12.31 -10.44
C PHE A 55 -2.54 13.06 -9.46
N LEU A 56 -2.72 12.69 -8.18
CA LEU A 56 -1.84 13.06 -7.07
C LEU A 56 -1.05 11.83 -6.61
N ARG A 57 0.25 12.02 -6.40
CA ARG A 57 1.11 10.98 -5.83
C ARG A 57 1.68 11.46 -4.52
N PHE A 58 1.48 10.67 -3.47
CA PHE A 58 2.10 10.86 -2.16
C PHE A 58 3.22 9.82 -1.97
N TYR A 59 4.38 10.29 -1.50
CA TYR A 59 5.54 9.41 -1.31
C TYR A 59 6.41 9.90 -0.15
N GLY A 60 7.18 8.89 0.44
CA GLY A 60 7.76 8.94 1.79
C GLY A 60 9.22 9.22 1.92
N ASP A 61 9.82 8.65 3.02
CA ASP A 61 11.12 9.03 3.59
C ASP A 61 11.03 10.00 4.76
N ASP A 62 12.05 10.88 4.85
CA ASP A 62 12.07 11.89 5.89
C ASP A 62 10.86 12.77 5.80
N THR A 63 10.61 13.31 4.64
CA THR A 63 9.61 14.29 4.35
C THR A 63 8.45 13.66 3.59
N PRO A 64 7.22 13.88 4.05
CA PRO A 64 6.07 13.53 3.21
C PRO A 64 6.06 14.42 1.97
N GLN A 65 5.91 13.80 0.81
CA GLN A 65 5.95 14.53 -0.44
C GLN A 65 4.73 14.22 -1.28
N CYS A 66 4.47 15.14 -2.20
CA CYS A 66 3.27 15.10 -2.99
C CYS A 66 3.48 15.85 -4.30
N PHE A 67 3.05 15.27 -5.42
CA PHE A 67 2.95 16.09 -6.62
C PHE A 67 1.68 15.79 -7.41
N MET A 68 1.27 16.78 -8.19
CA MET A 68 0.21 16.63 -9.16
C MET A 68 0.86 16.36 -10.51
N SER A 69 0.28 15.42 -11.26
CA SER A 69 0.77 15.02 -12.56
C SER A 69 -0.39 14.96 -13.56
N LEU A 70 -0.15 15.51 -14.75
CA LEU A 70 -1.05 15.43 -15.89
C LEU A 70 -0.35 14.72 -17.05
N LYS A 71 -0.92 13.61 -17.53
CA LYS A 71 -0.39 12.89 -18.70
C LYS A 71 -1.40 12.87 -19.83
N ALA A 72 -0.98 13.25 -21.04
CA ALA A 72 -1.85 13.31 -22.19
C ALA A 72 -1.31 12.44 -23.31
N ARG A 73 -2.16 11.51 -23.78
CA ARG A 73 -2.02 10.71 -25.01
C ARG A 73 -0.85 9.73 -24.96
N ALA A 74 -0.95 8.69 -24.13
CA ALA A 74 0.11 7.72 -23.95
C ALA A 74 -0.12 6.50 -24.84
N VAL A 75 0.86 6.19 -25.69
CA VAL A 75 0.80 5.01 -26.54
C VAL A 75 1.75 3.96 -25.97
N LEU A 76 1.35 2.70 -26.12
CA LEU A 76 2.13 1.54 -25.69
C LEU A 76 2.22 0.57 -26.86
N ASP A 77 3.41 0.43 -27.44
CA ASP A 77 3.62 -0.52 -28.53
C ASP A 77 4.84 -1.39 -28.25
N GLU A 78 4.63 -2.71 -28.21
CA GLU A 78 5.72 -3.67 -28.09
C GLU A 78 6.60 -3.37 -26.88
N GLY A 79 5.98 -2.97 -25.77
CA GLY A 79 6.73 -2.66 -24.57
C GLY A 79 7.33 -1.27 -24.50
N VAL A 80 7.13 -0.44 -25.50
CA VAL A 80 7.63 0.93 -25.52
C VAL A 80 6.47 1.86 -25.17
N TYR A 81 6.74 2.80 -24.27
CA TYR A 81 5.77 3.76 -23.80
C TYR A 81 6.14 5.15 -24.28
N ARG A 82 5.18 5.86 -24.83
CA ARG A 82 5.48 7.24 -25.17
C ARG A 82 4.33 8.07 -24.63
N VAL A 83 4.64 9.22 -24.03
CA VAL A 83 3.61 10.12 -23.54
C VAL A 83 3.74 11.41 -24.31
N ASP A 84 2.61 11.97 -24.66
CA ASP A 84 2.57 12.94 -25.72
C ASP A 84 2.81 14.32 -25.13
N GLU A 85 2.04 14.70 -24.12
CA GLU A 85 2.50 15.67 -23.12
C GLU A 85 2.50 15.07 -21.73
N GLU A 86 3.35 15.62 -20.84
CA GLU A 86 3.38 15.26 -19.44
C GLU A 86 3.89 16.43 -18.61
N VAL A 87 3.21 16.73 -17.51
CA VAL A 87 3.57 17.86 -16.67
C VAL A 87 3.43 17.46 -15.19
N GLU A 88 4.37 17.91 -14.36
CA GLU A 88 4.38 17.61 -12.92
C GLU A 88 4.70 18.87 -12.14
N GLU A 89 3.97 19.12 -11.06
CA GLU A 89 4.37 20.15 -10.10
C GLU A 89 4.09 19.64 -8.69
N ASN A 90 5.02 19.88 -7.77
CA ASN A 90 4.76 19.36 -6.44
C ASN A 90 3.70 20.20 -5.75
N PHE A 91 2.97 19.52 -4.88
CA PHE A 91 1.68 19.90 -4.35
C PHE A 91 1.78 19.78 -2.84
N GLU A 92 1.09 20.66 -2.11
CA GLU A 92 1.19 20.59 -0.65
C GLU A 92 0.49 19.36 -0.09
N PRO A 93 1.19 18.47 0.63
CA PRO A 93 0.58 17.17 1.02
C PRO A 93 -0.73 17.28 1.80
N ALA A 94 -0.84 18.25 2.72
CA ALA A 94 -2.09 18.42 3.46
C ALA A 94 -3.24 18.81 2.53
N VAL A 95 -2.98 19.71 1.58
CA VAL A 95 -4.01 20.06 0.60
C VAL A 95 -4.38 18.81 -0.21
N GLY A 96 -3.37 18.05 -0.62
CA GLY A 96 -3.60 16.79 -1.30
C GLY A 96 -4.55 15.88 -0.57
N ARG A 97 -4.30 15.65 0.73
CA ARG A 97 -5.17 14.78 1.51
C ARG A 97 -6.60 15.34 1.58
N ALA A 98 -6.72 16.67 1.72
CA ALA A 98 -8.02 17.30 1.70
C ALA A 98 -8.75 17.04 0.38
N CYS A 99 -8.02 17.09 -0.74
CA CYS A 99 -8.63 16.86 -2.04
C CYS A 99 -8.94 15.40 -2.27
N VAL A 100 -8.16 14.50 -1.66
CA VAL A 100 -8.51 13.09 -1.75
C VAL A 100 -9.81 12.84 -1.01
N ALA A 101 -9.94 13.42 0.19
CA ALA A 101 -11.14 13.24 1.00
C ALA A 101 -12.38 13.85 0.34
N GLN A 102 -12.25 15.07 -0.20
CA GLN A 102 -13.35 15.81 -0.82
C GLN A 102 -12.84 16.36 -2.14
N PRO A 103 -12.86 15.55 -3.20
CA PRO A 103 -12.28 16.00 -4.48
C PRO A 103 -12.85 17.29 -5.05
N GLU A 104 -14.07 17.71 -4.71
CA GLU A 104 -14.57 18.97 -5.26
C GLU A 104 -13.71 20.16 -4.83
N LYS A 105 -12.98 20.07 -3.72
CA LYS A 105 -12.09 21.17 -3.35
C LYS A 105 -11.00 21.44 -4.38
N LEU A 106 -10.73 20.52 -5.31
CA LEU A 106 -9.78 20.83 -6.37
C LEU A 106 -10.20 22.04 -7.20
N SER A 107 -11.49 22.43 -7.17
CA SER A 107 -11.91 23.60 -7.94
C SER A 107 -11.39 24.91 -7.38
N SER A 108 -10.93 24.91 -6.13
CA SER A 108 -10.53 26.15 -5.49
C SER A 108 -9.03 26.31 -5.36
N VAL A 109 -8.25 25.28 -5.62
CA VAL A 109 -6.82 25.39 -5.40
C VAL A 109 -6.19 25.95 -6.67
N GLU A 110 -5.28 26.90 -6.50
CA GLU A 110 -4.61 27.57 -7.61
C GLU A 110 -3.29 26.88 -7.89
N CYS A 111 -3.14 26.34 -9.10
CA CYS A 111 -1.83 25.84 -9.50
C CYS A 111 -1.84 25.68 -11.00
N GLY A 112 -0.63 25.67 -11.57
CA GLY A 112 -0.43 25.56 -13.02
C GLY A 112 -1.25 24.52 -13.74
N ILE A 113 -1.13 23.25 -13.34
CA ILE A 113 -1.89 22.19 -13.99
C ILE A 113 -3.39 22.50 -13.97
N LEU A 114 -3.89 23.03 -12.86
CA LEU A 114 -5.33 23.25 -12.79
C LEU A 114 -5.78 24.45 -13.60
N LYS A 115 -4.96 25.50 -13.67
CA LYS A 115 -5.26 26.65 -14.53
C LYS A 115 -5.26 26.23 -15.99
N MET A 116 -4.17 25.56 -16.42
CA MET A 116 -4.12 24.92 -17.72
C MET A 116 -5.39 24.13 -18.02
N LEU A 117 -5.84 23.35 -17.03
CA LEU A 117 -6.97 22.46 -17.24
C LEU A 117 -8.26 23.26 -17.37
N LYS A 118 -8.38 24.36 -16.61
CA LYS A 118 -9.56 25.21 -16.71
C LYS A 118 -9.61 25.91 -18.06
N GLU A 119 -8.45 26.21 -18.60
CA GLU A 119 -8.34 26.79 -19.94
C GLU A 119 -8.66 25.83 -21.08
N LYS A 120 -8.32 24.56 -20.96
CA LYS A 120 -8.78 23.71 -22.05
C LYS A 120 -10.24 23.28 -21.88
N PHE A 121 -10.72 23.06 -20.64
CA PHE A 121 -12.03 22.46 -20.42
C PHE A 121 -13.06 23.35 -19.74
N GLY A 122 -12.68 24.54 -19.29
CA GLY A 122 -13.60 25.34 -18.54
C GLY A 122 -13.55 24.98 -17.07
N VAL A 123 -14.43 25.63 -16.30
CA VAL A 123 -14.62 25.25 -14.90
C VAL A 123 -15.19 23.84 -14.85
N LEU A 124 -14.58 22.96 -14.06
CA LEU A 124 -15.12 21.61 -13.99
C LEU A 124 -15.39 21.21 -12.54
N ASN A 125 -16.31 20.24 -12.36
CA ASN A 125 -16.64 19.66 -11.06
C ASN A 125 -15.85 18.37 -10.87
N PHE A 126 -14.87 18.39 -9.97
CA PHE A 126 -13.95 17.29 -9.86
C PHE A 126 -14.56 16.15 -9.05
N VAL A 127 -14.33 14.93 -9.51
CA VAL A 127 -14.68 13.72 -8.80
C VAL A 127 -13.43 12.87 -8.68
N GLY A 128 -13.38 12.08 -7.59
CA GLY A 128 -12.29 11.15 -7.38
C GLY A 128 -12.57 9.82 -8.07
N LEU A 129 -11.53 9.25 -8.68
CA LEU A 129 -11.62 7.95 -9.32
C LEU A 129 -10.97 6.84 -8.50
N GLY A 130 -10.67 7.10 -7.23
CA GLY A 130 -9.97 6.13 -6.41
C GLY A 130 -8.48 6.15 -6.69
N GLY A 131 -7.77 5.23 -6.02
CA GLY A 131 -6.33 5.21 -6.13
C GLY A 131 -5.76 3.87 -5.72
N PHE A 132 -4.45 3.77 -5.81
CA PHE A 132 -3.82 2.52 -5.43
C PHE A 132 -2.41 2.79 -4.97
N VAL A 133 -1.89 1.84 -4.18
CA VAL A 133 -0.52 1.85 -3.69
C VAL A 133 0.36 1.10 -4.67
N ASN A 134 1.51 1.68 -5.01
CA ASN A 134 2.54 1.05 -5.82
C ASN A 134 3.88 1.15 -5.09
N VAL A 135 4.58 0.03 -4.96
CA VAL A 135 5.91 0.00 -4.35
C VAL A 135 6.95 0.05 -5.47
N ARG A 136 7.76 1.11 -5.48
CA ARG A 136 8.77 1.28 -6.51
C ARG A 136 10.15 1.11 -5.90
N ASP A 137 10.91 0.16 -6.43
CA ASP A 137 12.32 0.00 -6.09
C ASP A 137 13.14 0.63 -7.21
N VAL A 138 14.10 1.47 -6.82
CA VAL A 138 14.94 2.20 -7.75
C VAL A 138 16.36 1.66 -7.62
N TYR A 139 16.93 1.24 -8.76
CA TYR A 139 18.28 0.73 -8.91
C TYR A 139 19.09 1.70 -9.74
N LYS A 140 20.28 2.05 -9.26
CA LYS A 140 21.13 3.04 -9.93
C LYS A 140 22.56 2.52 -9.95
N TRP A 141 23.14 2.45 -11.13
CA TRP A 141 24.55 2.13 -11.26
C TRP A 141 25.07 2.91 -12.45
N GLU A 142 25.81 3.96 -12.11
CA GLU A 142 26.40 4.89 -13.07
C GLU A 142 25.31 5.50 -13.94
N GLY A 143 25.21 5.16 -15.22
CA GLY A 143 24.20 5.81 -16.04
C GLY A 143 23.03 4.88 -16.23
N LEU A 144 22.84 3.99 -15.28
CA LEU A 144 21.77 3.01 -15.32
C LEU A 144 20.78 3.37 -14.21
N LYS A 145 19.58 3.77 -14.60
CA LYS A 145 18.45 3.89 -13.69
C LYS A 145 17.39 2.86 -14.09
N LEU A 146 16.96 2.06 -13.12
CA LEU A 146 16.01 0.98 -13.35
C LEU A 146 14.95 1.03 -12.27
N GLU A 147 13.66 0.93 -12.64
CA GLU A 147 12.60 0.91 -11.64
C GLU A 147 11.83 -0.39 -11.74
N VAL A 148 11.61 -1.04 -10.60
CA VAL A 148 10.78 -2.24 -10.50
C VAL A 148 9.57 -1.89 -9.64
N ASP A 149 8.37 -2.19 -10.15
CA ASP A 149 7.10 -1.81 -9.52
C ASP A 149 6.35 -3.04 -9.04
N LYS A 150 5.79 -2.94 -7.83
CA LYS A 150 4.87 -3.93 -7.28
C LYS A 150 3.58 -3.17 -6.96
N THR A 151 2.54 -3.35 -7.76
CA THR A 151 1.31 -2.57 -7.62
C THR A 151 0.25 -3.38 -6.89
N LEU A 152 -0.22 -2.85 -5.75
CA LEU A 152 -1.08 -3.59 -4.81
C LEU A 152 -2.57 -3.27 -5.04
N TYR A 153 -3.12 -3.75 -6.16
CA TYR A 153 -4.54 -3.55 -6.37
C TYR A 153 -5.34 -4.45 -5.45
N GLU A 154 -6.54 -3.97 -5.09
CA GLU A 154 -7.46 -4.77 -4.28
C GLU A 154 -7.72 -6.14 -4.89
N PHE A 155 -7.66 -6.23 -6.22
CA PHE A 155 -7.97 -7.48 -6.91
C PHE A 155 -6.72 -8.29 -7.23
N GLY A 156 -5.55 -7.87 -6.75
CA GLY A 156 -4.33 -8.61 -7.03
C GLY A 156 -3.10 -7.76 -7.26
N THR A 157 -1.93 -8.41 -7.35
CA THR A 157 -0.66 -7.70 -7.48
C THR A 157 -0.16 -7.79 -8.92
N ASN A 158 0.36 -6.68 -9.41
CA ASN A 158 1.05 -6.65 -10.69
C ASN A 158 2.51 -6.27 -10.46
N HIS A 159 3.40 -6.78 -11.31
CA HIS A 159 4.83 -6.48 -11.20
C HIS A 159 5.34 -5.97 -12.54
N GLU A 160 6.19 -4.94 -12.52
CA GLU A 160 6.55 -4.29 -13.77
C GLU A 160 8.00 -3.79 -13.68
N ILE A 161 8.70 -3.78 -14.82
CA ILE A 161 9.96 -3.07 -15.02
C ILE A 161 9.77 -1.87 -15.91
N GLU A 162 10.48 -0.82 -15.59
CA GLU A 162 10.57 0.46 -16.28
C GLU A 162 12.00 0.93 -16.45
N TYR A 163 12.36 1.21 -17.71
CA TYR A 163 13.67 1.78 -18.04
C TYR A 163 13.49 3.03 -18.90
N GLU A 164 13.78 4.19 -18.32
CA GLU A 164 13.76 5.48 -19.01
C GLU A 164 14.84 5.44 -20.09
N THR A 165 14.49 5.69 -21.35
CA THR A 165 15.52 5.67 -22.38
C THR A 165 15.04 6.38 -23.64
N SER A 166 15.98 7.03 -24.33
CA SER A 166 15.72 7.57 -25.66
C SER A 166 16.05 6.58 -26.78
N ASP A 167 16.65 5.42 -26.45
CA ASP A 167 16.99 4.38 -27.43
C ASP A 167 16.30 3.08 -27.02
N PRO A 168 14.98 3.01 -27.18
CA PRO A 168 14.25 1.88 -26.57
C PRO A 168 14.52 0.57 -27.28
N GLU A 169 14.81 0.63 -28.58
CA GLU A 169 15.11 -0.55 -29.39
C GLU A 169 16.40 -1.24 -28.89
N GLY A 170 17.49 -0.46 -28.84
CA GLY A 170 18.77 -0.95 -28.39
C GLY A 170 18.77 -1.43 -26.95
N VAL A 171 18.14 -0.65 -26.07
CA VAL A 171 18.07 -1.08 -24.67
C VAL A 171 17.21 -2.34 -24.56
N LYS A 172 16.19 -2.45 -25.41
CA LYS A 172 15.27 -3.56 -25.39
C LYS A 172 15.99 -4.89 -25.64
N LYS A 173 16.89 -4.93 -26.63
CA LYS A 173 17.59 -6.19 -26.91
C LYS A 173 18.38 -6.69 -25.70
N VAL A 174 19.25 -5.83 -25.15
CA VAL A 174 20.11 -6.27 -24.06
C VAL A 174 19.30 -6.56 -22.80
N LEU A 175 18.33 -5.71 -22.47
CA LEU A 175 17.54 -5.96 -21.27
C LEU A 175 16.79 -7.29 -21.37
N GLU A 176 16.18 -7.57 -22.51
CA GLU A 176 15.48 -8.84 -22.65
C GLU A 176 16.45 -10.02 -22.53
N GLU A 177 17.63 -9.90 -23.16
CA GLU A 177 18.58 -11.01 -23.08
C GLU A 177 19.07 -11.21 -21.66
N PHE A 178 19.33 -10.11 -20.94
CA PHE A 178 19.67 -10.14 -19.54
C PHE A 178 18.61 -10.89 -18.72
N LEU A 179 17.34 -10.55 -18.91
CA LEU A 179 16.28 -11.16 -18.10
C LEU A 179 16.14 -12.65 -18.39
N LYS A 180 16.18 -13.02 -19.67
CA LYS A 180 16.10 -14.42 -20.06
C LYS A 180 17.25 -15.22 -19.48
N GLU A 181 18.48 -14.74 -19.70
CA GLU A 181 19.70 -15.39 -19.24
C GLU A 181 19.67 -15.66 -17.75
N ASN A 182 19.08 -14.75 -16.97
CA ASN A 182 19.07 -14.85 -15.52
C ASN A 182 17.75 -15.37 -14.98
N GLY A 183 16.90 -15.91 -15.86
CA GLY A 183 15.69 -16.59 -15.44
C GLY A 183 14.52 -15.75 -14.98
N ILE A 184 14.43 -14.48 -15.40
CA ILE A 184 13.30 -13.64 -15.02
C ILE A 184 12.26 -13.62 -16.13
N GLN A 185 11.11 -14.26 -15.87
CA GLN A 185 10.08 -14.33 -16.89
C GLN A 185 9.32 -13.00 -16.96
N TYR A 186 9.10 -12.53 -18.18
CA TYR A 186 8.49 -11.23 -18.43
C TYR A 186 7.68 -11.31 -19.73
N SER A 187 6.94 -10.24 -20.01
CA SER A 187 6.32 -9.99 -21.30
C SER A 187 6.17 -8.49 -21.44
N TYR A 188 5.60 -8.03 -22.54
CA TYR A 188 5.42 -6.59 -22.75
C TYR A 188 4.16 -6.10 -22.05
N SER A 189 4.28 -5.05 -21.22
CA SER A 189 3.09 -4.42 -20.66
C SER A 189 2.16 -4.00 -21.78
N GLN A 190 0.89 -4.31 -21.62
CA GLN A 190 -0.15 -4.00 -22.58
C GLN A 190 -1.06 -2.87 -22.13
N ALA A 191 -0.87 -2.34 -20.91
CA ALA A 191 -1.79 -1.38 -20.31
C ALA A 191 -1.11 -0.59 -19.19
N SER A 192 -1.52 0.68 -19.05
CA SER A 192 -1.05 1.50 -17.93
C SER A 192 -1.56 0.95 -16.60
N LYS A 193 -0.90 1.36 -15.51
CA LYS A 193 -1.38 1.00 -14.19
C LYS A 193 -2.78 1.53 -13.96
N PHE A 194 -3.05 2.75 -14.42
CA PHE A 194 -4.38 3.32 -14.27
C PHE A 194 -5.41 2.55 -15.12
N GLU A 195 -5.03 2.14 -16.33
CA GLU A 195 -5.94 1.32 -17.14
C GLU A 195 -6.24 -0.02 -16.46
N VAL A 196 -5.20 -0.69 -15.94
CA VAL A 196 -5.46 -1.91 -15.19
C VAL A 196 -6.41 -1.62 -14.03
N PHE A 197 -6.15 -0.53 -13.30
CA PHE A 197 -6.95 -0.18 -12.13
C PHE A 197 -8.41 0.02 -12.48
N ARG A 198 -8.71 0.75 -13.57
CA ARG A 198 -10.10 1.00 -13.96
C ARG A 198 -10.76 -0.27 -14.45
N SER A 199 -9.97 -1.16 -15.06
CA SER A 199 -10.46 -2.47 -15.44
C SER A 199 -10.99 -3.27 -14.25
N LYS A 200 -10.47 -3.02 -13.03
CA LYS A 200 -10.82 -3.80 -11.82
C LYS A 200 -10.37 -5.26 -11.92
N LYS A 201 -9.38 -5.55 -12.76
CA LYS A 201 -8.99 -6.92 -13.06
C LYS A 201 -7.55 -6.94 -13.56
N LEU A 202 -6.80 -7.96 -13.20
CA LEU A 202 -5.44 -8.12 -13.70
C LEU A 202 -5.46 -8.49 -15.19
N PRO A 203 -4.51 -7.99 -15.97
CA PRO A 203 -4.45 -8.37 -17.39
C PRO A 203 -4.24 -9.87 -17.56
N GLN A 204 -4.51 -10.35 -18.78
CA GLN A 204 -4.43 -11.78 -19.09
C GLN A 204 -2.99 -12.27 -18.98
N SER A 205 -2.76 -13.26 -18.12
CA SER A 205 -1.41 -13.77 -17.87
C SER A 205 -1.13 -15.04 -18.66
N MET B 4 -1.87 -16.28 25.01
CA MET B 4 -2.53 -15.43 24.02
C MET B 4 -1.69 -14.16 23.83
N GLY B 5 -2.26 -13.09 23.24
CA GLY B 5 -1.47 -11.95 22.81
C GLY B 5 -1.41 -10.81 23.82
N THR B 6 -0.25 -10.19 23.92
CA THR B 6 0.01 -9.08 24.83
C THR B 6 1.28 -8.41 24.30
N GLU B 7 1.18 -7.20 23.78
CA GLU B 7 2.29 -6.57 23.11
C GLU B 7 2.34 -5.13 23.59
N LEU B 8 3.52 -4.59 23.44
CA LEU B 8 3.83 -3.20 23.67
C LEU B 8 3.62 -2.49 22.34
N LYS B 9 2.98 -1.33 22.37
CA LYS B 9 2.51 -0.68 21.14
C LYS B 9 2.69 0.84 21.21
N LEU B 10 3.70 1.36 20.54
CA LEU B 10 4.02 2.79 20.61
C LEU B 10 3.80 3.46 19.26
N ARG B 11 3.14 4.60 19.26
CA ARG B 11 3.06 5.43 18.07
C ARG B 11 4.36 6.20 17.89
N ILE B 12 4.99 6.09 16.72
CA ILE B 12 6.14 6.93 16.34
C ILE B 12 5.62 8.27 15.85
N ARG B 13 6.29 9.36 16.24
CA ARG B 13 5.73 10.69 16.11
C ARG B 13 5.52 11.07 14.64
N ASP B 14 6.49 10.80 13.78
CA ASP B 14 6.35 11.26 12.40
C ASP B 14 7.33 10.51 11.50
N SER B 15 7.32 10.90 10.21
CA SER B 15 8.21 10.33 9.21
C SER B 15 9.68 10.35 9.61
N THR B 16 10.14 11.48 10.18
CA THR B 16 11.56 11.59 10.47
C THR B 16 11.95 10.68 11.63
N ALA B 17 11.13 10.63 12.67
CA ALA B 17 11.40 9.71 13.76
C ALA B 17 11.42 8.28 13.24
N HIS B 18 10.46 7.94 12.36
CA HIS B 18 10.39 6.59 11.78
C HIS B 18 11.66 6.26 11.00
N CYS B 19 12.16 7.21 10.18
CA CYS B 19 13.37 6.94 9.42
C CYS B 19 14.59 6.77 10.34
N ARG B 20 14.72 7.64 11.35
CA ARG B 20 15.80 7.48 12.32
C ARG B 20 15.78 6.09 12.93
N LEU B 21 14.59 5.64 13.33
CA LEU B 21 14.46 4.33 13.97
C LEU B 21 14.84 3.21 13.02
N THR B 22 14.35 3.30 11.78
CA THR B 22 14.74 2.37 10.72
C THR B 22 16.25 2.29 10.57
N LYS B 23 16.93 3.44 10.62
CA LYS B 23 18.36 3.47 10.39
C LYS B 23 19.10 2.89 11.58
N LEU B 24 18.70 3.27 12.79
CA LEU B 24 19.30 2.72 14.01
C LEU B 24 19.35 1.19 13.96
N LEU B 25 18.21 0.55 13.62
CA LEU B 25 18.05 -0.89 13.72
C LEU B 25 18.37 -1.64 12.43
N SER B 26 18.85 -0.94 11.39
CA SER B 26 18.98 -1.55 10.07
C SER B 26 19.69 -2.89 10.12
N ALA B 27 20.74 -3.00 10.94
CA ALA B 27 21.50 -4.25 10.99
C ALA B 27 20.62 -5.45 11.33
N PHE B 28 19.55 -5.25 12.07
CA PHE B 28 18.73 -6.38 12.51
C PHE B 28 17.52 -6.64 11.60
N HIS B 29 17.43 -5.96 10.47
CA HIS B 29 16.30 -6.12 9.57
C HIS B 29 16.34 -7.50 8.93
N VAL B 30 15.24 -8.23 9.00
CA VAL B 30 15.17 -9.57 8.42
C VAL B 30 14.05 -9.73 7.40
N GLU B 31 13.10 -8.81 7.32
CA GLU B 31 11.98 -9.02 6.40
C GLU B 31 11.18 -7.73 6.27
N THR B 32 10.60 -7.52 5.09
CA THR B 32 9.55 -6.54 4.90
C THR B 32 8.29 -7.25 4.39
N GLN B 33 7.16 -6.95 5.01
CA GLN B 33 5.86 -7.42 4.55
C GLN B 33 5.03 -6.26 4.05
N HIS B 34 4.54 -6.36 2.81
CA HIS B 34 3.54 -5.43 2.28
C HIS B 34 2.17 -6.03 2.51
N GLN B 35 1.52 -5.60 3.58
CA GLN B 35 0.27 -6.21 4.02
C GLN B 35 -0.93 -5.45 3.44
N GLU B 36 -1.84 -6.18 2.83
CA GLU B 36 -3.14 -5.63 2.48
C GLU B 36 -4.18 -6.21 3.44
N ASN B 37 -4.80 -5.35 4.26
CA ASN B 37 -5.89 -5.76 5.16
C ASN B 37 -7.25 -5.30 4.65
N PHE B 38 -8.23 -6.20 4.65
CA PHE B 38 -9.61 -5.84 4.34
C PHE B 38 -10.50 -6.36 5.46
N PHE B 39 -11.41 -5.53 5.95
CA PHE B 39 -12.22 -5.84 7.12
C PHE B 39 -13.68 -6.10 6.72
N PHE B 40 -14.37 -6.89 7.53
CA PHE B 40 -15.73 -7.34 7.22
C PHE B 40 -16.58 -7.30 8.48
N ASP B 41 -17.90 -7.14 8.27
CA ASP B 41 -18.87 -7.26 9.35
C ASP B 41 -20.18 -7.81 8.77
N GLY B 42 -21.14 -8.08 9.65
CA GLY B 42 -22.49 -8.34 9.20
C GLY B 42 -23.22 -7.05 8.87
N ALA B 43 -24.40 -7.19 8.26
CA ALA B 43 -25.19 -6.01 7.92
C ALA B 43 -25.77 -5.27 9.13
N ASN B 44 -25.79 -5.88 10.32
CA ASN B 44 -26.34 -5.24 11.52
C ASN B 44 -25.26 -4.96 12.55
N ASN B 45 -23.99 -4.84 12.14
CA ASN B 45 -22.87 -4.62 13.05
C ASN B 45 -22.81 -5.67 14.15
N GLU B 46 -23.11 -6.91 13.78
CA GLU B 46 -23.05 -8.03 14.73
C GLU B 46 -21.68 -8.12 15.38
N LEU B 47 -20.61 -8.00 14.59
CA LEU B 47 -19.27 -8.21 15.13
C LEU B 47 -18.79 -7.00 15.91
N SER B 48 -18.97 -5.79 15.37
CA SER B 48 -18.41 -4.63 16.06
C SER B 48 -19.11 -4.35 17.39
N SER B 49 -20.42 -4.62 17.48
CA SER B 49 -21.12 -4.42 18.75
C SER B 49 -20.67 -5.39 19.84
N GLN B 50 -19.99 -6.48 19.47
CA GLN B 50 -19.39 -7.39 20.42
C GLN B 50 -17.88 -7.26 20.49
N GLN B 51 -17.32 -6.13 20.01
CA GLN B 51 -15.87 -5.84 20.06
C GLN B 51 -15.02 -6.85 19.28
N VAL B 52 -15.54 -7.30 18.13
CA VAL B 52 -14.92 -8.34 17.32
C VAL B 52 -14.52 -7.74 15.98
N VAL B 53 -13.32 -8.09 15.51
CA VAL B 53 -12.78 -7.62 14.25
C VAL B 53 -12.49 -8.83 13.37
N LEU B 54 -12.97 -8.78 12.13
CA LEU B 54 -12.82 -9.88 11.18
C LEU B 54 -12.16 -9.35 9.93
N PHE B 55 -10.98 -9.88 9.60
CA PHE B 55 -10.28 -9.33 8.45
C PHE B 55 -9.54 -10.40 7.68
N LEU B 56 -9.26 -10.06 6.44
CA LEU B 56 -8.46 -10.84 5.53
C LEU B 56 -7.14 -10.10 5.32
N ARG B 57 -6.02 -10.80 5.44
CA ARG B 57 -4.70 -10.22 5.20
C ARG B 57 -4.03 -10.95 4.05
N PHE B 58 -3.61 -10.19 3.04
CA PHE B 58 -2.76 -10.68 1.95
C PHE B 58 -1.34 -10.18 2.17
N TYR B 59 -0.37 -11.09 2.06
CA TYR B 59 1.03 -10.75 2.22
C TYR B 59 1.84 -11.80 1.47
N GLY B 60 3.04 -11.45 1.05
CA GLY B 60 3.72 -12.45 0.26
C GLY B 60 4.98 -12.03 -0.44
N ASP B 61 6.07 -12.70 -0.09
CA ASP B 61 7.34 -12.47 -0.75
C ASP B 61 7.44 -13.29 -2.04
N ASP B 62 8.03 -14.48 -1.91
CA ASP B 62 8.00 -15.47 -2.99
C ASP B 62 6.58 -15.87 -3.33
N THR B 63 5.89 -16.47 -2.34
CA THR B 63 4.58 -17.04 -2.56
C THR B 63 3.52 -16.11 -1.98
N PRO B 64 2.53 -15.70 -2.76
CA PRO B 64 1.44 -14.91 -2.20
C PRO B 64 0.63 -15.74 -1.22
N GLN B 65 0.37 -15.15 -0.06
CA GLN B 65 -0.35 -15.80 1.03
C GLN B 65 -1.53 -14.94 1.47
N CYS B 66 -2.45 -15.59 2.16
CA CYS B 66 -3.69 -14.99 2.61
C CYS B 66 -4.13 -15.69 3.88
N PHE B 67 -4.54 -14.92 4.89
CA PHE B 67 -5.21 -15.57 6.02
C PHE B 67 -6.36 -14.72 6.55
N MET B 68 -7.30 -15.41 7.15
CA MET B 68 -8.40 -14.76 7.83
C MET B 68 -8.13 -14.75 9.31
N SER B 69 -8.41 -13.62 9.94
CA SER B 69 -8.17 -13.47 11.36
C SER B 69 -9.40 -12.88 12.03
N LEU B 70 -9.72 -13.44 13.19
CA LEU B 70 -10.75 -12.92 14.06
C LEU B 70 -10.08 -12.54 15.38
N LYS B 71 -10.21 -11.27 15.79
CA LYS B 71 -9.70 -10.79 17.08
C LYS B 71 -10.86 -10.22 17.89
N ALA B 72 -10.99 -10.67 19.14
CA ALA B 72 -12.10 -10.28 20.00
C ALA B 72 -11.60 -9.67 21.31
N ARG B 73 -12.11 -8.48 21.63
CA ARG B 73 -11.99 -7.82 22.92
C ARG B 73 -10.55 -7.43 23.21
N ALA B 74 -10.07 -6.48 22.42
CA ALA B 74 -8.72 -5.98 22.49
C ALA B 74 -8.71 -4.73 23.34
N VAL B 75 -7.91 -4.72 24.40
CA VAL B 75 -7.77 -3.56 25.28
C VAL B 75 -6.41 -2.91 25.06
N LEU B 76 -6.38 -1.58 25.13
CA LEU B 76 -5.16 -0.81 24.99
C LEU B 76 -5.08 0.22 26.13
N ASP B 77 -4.17 0.02 27.08
CA ASP B 77 -3.98 1.01 28.15
C ASP B 77 -2.49 1.32 28.34
N GLU B 78 -2.16 2.60 28.25
CA GLU B 78 -0.80 3.07 28.51
C GLU B 78 0.23 2.33 27.66
N GLY B 79 -0.13 2.09 26.40
CA GLY B 79 0.71 1.45 25.41
C GLY B 79 0.76 -0.06 25.44
N VAL B 80 0.09 -0.69 26.40
CA VAL B 80 0.06 -2.15 26.45
C VAL B 80 -1.27 -2.59 25.86
N TYR B 81 -1.20 -3.52 24.91
CA TYR B 81 -2.39 -4.04 24.25
C TYR B 81 -2.50 -5.54 24.48
N ARG B 82 -3.70 -5.99 24.85
CA ARG B 82 -4.01 -7.40 25.12
C ARG B 82 -5.29 -7.77 24.39
N VAL B 83 -5.35 -8.99 23.87
CA VAL B 83 -6.57 -9.49 23.22
C VAL B 83 -7.03 -10.78 23.90
N ASP B 84 -8.34 -10.87 24.19
CA ASP B 84 -8.87 -12.13 24.74
C ASP B 84 -8.84 -13.24 23.71
N GLU B 85 -9.42 -12.98 22.54
CA GLU B 85 -9.56 -14.04 21.56
C GLU B 85 -8.82 -13.63 20.29
N GLU B 86 -8.12 -14.58 19.72
CA GLU B 86 -7.47 -14.36 18.45
C GLU B 86 -7.38 -15.71 17.78
N VAL B 87 -7.90 -15.79 16.57
CA VAL B 87 -7.91 -17.02 15.80
C VAL B 87 -7.57 -16.67 14.36
N GLU B 88 -6.75 -17.49 13.74
CA GLU B 88 -6.30 -17.25 12.38
C GLU B 88 -6.35 -18.56 11.62
N GLU B 89 -6.80 -18.52 10.37
CA GLU B 89 -6.58 -19.67 9.51
C GLU B 89 -6.18 -19.22 8.11
N ASN B 90 -5.27 -19.99 7.51
CA ASN B 90 -4.83 -19.66 6.16
C ASN B 90 -5.95 -19.88 5.17
N PHE B 91 -5.96 -19.04 4.15
CA PHE B 91 -7.08 -18.87 3.25
C PHE B 91 -6.48 -18.87 1.84
N GLU B 92 -7.19 -19.45 0.89
CA GLU B 92 -6.70 -19.49 -0.49
C GLU B 92 -6.77 -18.09 -1.12
N PRO B 93 -5.66 -17.56 -1.66
CA PRO B 93 -5.65 -16.13 -2.06
C PRO B 93 -6.71 -15.75 -3.09
N ALA B 94 -6.93 -16.61 -4.10
CA ALA B 94 -7.93 -16.31 -5.12
C ALA B 94 -9.34 -16.22 -4.52
N VAL B 95 -9.64 -17.13 -3.58
CA VAL B 95 -10.91 -17.06 -2.85
C VAL B 95 -10.97 -15.76 -2.05
N GLY B 96 -9.86 -15.43 -1.37
CA GLY B 96 -9.75 -14.14 -0.68
C GLY B 96 -10.10 -12.97 -1.57
N ARG B 97 -9.50 -12.91 -2.76
CA ARG B 97 -9.77 -11.79 -3.67
C ARG B 97 -11.23 -11.79 -4.09
N ALA B 98 -11.79 -12.96 -4.33
CA ALA B 98 -13.20 -13.02 -4.70
C ALA B 98 -14.07 -12.44 -3.59
N CYS B 99 -13.71 -12.72 -2.33
CA CYS B 99 -14.50 -12.15 -1.22
C CYS B 99 -14.27 -10.67 -1.02
N VAL B 100 -13.08 -10.17 -1.39
CA VAL B 100 -12.85 -8.73 -1.31
C VAL B 100 -13.70 -8.02 -2.36
N ALA B 101 -13.76 -8.59 -3.56
CA ALA B 101 -14.57 -8.01 -4.63
C ALA B 101 -16.05 -8.01 -4.26
N GLN B 102 -16.50 -9.09 -3.63
CA GLN B 102 -17.90 -9.25 -3.26
C GLN B 102 -18.07 -10.02 -1.96
N PRO B 103 -18.07 -9.30 -0.82
CA PRO B 103 -18.14 -9.90 0.54
C PRO B 103 -19.30 -10.84 0.79
N GLU B 104 -20.37 -10.72 0.02
CA GLU B 104 -21.50 -11.63 0.21
C GLU B 104 -21.10 -13.08 -0.02
N LYS B 105 -20.09 -13.32 -0.85
CA LYS B 105 -19.60 -14.68 -1.05
C LYS B 105 -19.06 -15.30 0.23
N LEU B 106 -18.81 -14.50 1.27
CA LEU B 106 -18.34 -15.07 2.52
C LEU B 106 -19.34 -16.04 3.11
N SER B 107 -20.61 -15.93 2.71
CA SER B 107 -21.62 -16.85 3.23
C SER B 107 -21.48 -18.26 2.67
N SER B 108 -20.75 -18.43 1.57
CA SER B 108 -20.71 -19.72 0.88
C SER B 108 -19.41 -20.48 1.05
N VAL B 109 -18.38 -19.87 1.58
CA VAL B 109 -17.11 -20.55 1.70
C VAL B 109 -17.06 -21.32 3.01
N GLU B 110 -16.55 -22.55 2.94
CA GLU B 110 -16.48 -23.46 4.08
C GLU B 110 -15.12 -23.28 4.75
N CYS B 111 -15.13 -22.86 6.01
CA CYS B 111 -13.89 -22.84 6.76
C CYS B 111 -14.21 -22.69 8.25
N GLY B 112 -13.25 -23.09 9.08
CA GLY B 112 -13.39 -23.02 10.53
C GLY B 112 -13.89 -21.71 11.10
N ILE B 113 -13.15 -20.62 10.85
CA ILE B 113 -13.55 -19.31 11.40
C ILE B 113 -14.97 -18.96 11.00
N LEU B 114 -15.38 -19.32 9.77
CA LEU B 114 -16.70 -18.88 9.31
C LEU B 114 -17.84 -19.68 9.94
N LYS B 115 -17.67 -20.98 10.17
CA LYS B 115 -18.64 -21.67 11.00
C LYS B 115 -18.60 -21.15 12.42
N MET B 116 -17.43 -21.13 13.04
CA MET B 116 -17.46 -20.47 14.35
C MET B 116 -18.30 -19.19 14.30
N LEU B 117 -18.21 -18.43 13.21
CA LEU B 117 -18.85 -17.12 13.14
C LEU B 117 -20.37 -17.23 13.03
N LYS B 118 -20.83 -18.24 12.27
CA LYS B 118 -22.25 -18.58 12.13
C LYS B 118 -22.81 -19.13 13.44
N GLU B 119 -21.99 -19.84 14.19
CA GLU B 119 -22.37 -20.41 15.47
C GLU B 119 -22.50 -19.37 16.57
N LYS B 120 -21.52 -18.48 16.70
CA LYS B 120 -21.51 -17.49 17.76
C LYS B 120 -22.41 -16.29 17.45
N PHE B 121 -22.53 -15.94 16.18
CA PHE B 121 -23.33 -14.82 15.71
C PHE B 121 -24.40 -15.41 14.79
N GLY B 122 -25.19 -14.59 14.13
CA GLY B 122 -26.21 -15.17 13.29
C GLY B 122 -25.62 -15.94 12.10
N VAL B 123 -26.50 -16.45 11.25
CA VAL B 123 -26.18 -16.41 9.82
C VAL B 123 -26.17 -14.94 9.42
N LEU B 124 -25.13 -14.52 8.74
CA LEU B 124 -25.02 -13.10 8.48
C LEU B 124 -25.13 -12.80 6.99
N ASN B 125 -25.45 -11.55 6.72
CA ASN B 125 -25.28 -10.96 5.40
C ASN B 125 -23.98 -10.18 5.52
N PHE B 126 -22.93 -10.63 4.85
CA PHE B 126 -21.61 -10.03 5.04
C PHE B 126 -21.46 -8.75 4.21
N VAL B 127 -20.83 -7.74 4.81
CA VAL B 127 -20.48 -6.50 4.14
C VAL B 127 -18.99 -6.25 4.32
N GLY B 128 -18.40 -5.65 3.29
CA GLY B 128 -17.00 -5.24 3.34
C GLY B 128 -16.90 -3.85 3.93
N LEU B 129 -15.89 -3.64 4.77
CA LEU B 129 -15.63 -2.33 5.33
C LEU B 129 -14.42 -1.66 4.71
N GLY B 130 -13.93 -2.17 3.60
CA GLY B 130 -12.72 -1.61 3.01
C GLY B 130 -11.48 -2.05 3.75
N GLY B 131 -10.36 -1.48 3.31
CA GLY B 131 -9.08 -1.91 3.83
C GLY B 131 -7.99 -0.89 3.59
N PHE B 132 -6.78 -1.27 4.02
CA PHE B 132 -5.64 -0.38 3.88
C PHE B 132 -4.38 -1.22 3.78
N VAL B 133 -3.32 -0.60 3.23
CA VAL B 133 -1.99 -1.20 3.16
C VAL B 133 -1.18 -0.82 4.41
N ASN B 134 -0.52 -1.82 4.99
CA ASN B 134 0.47 -1.59 6.05
C ASN B 134 1.80 -2.19 5.64
N VAL B 135 2.87 -1.40 5.73
CA VAL B 135 4.24 -1.87 5.49
C VAL B 135 4.87 -2.19 6.84
N ARG B 136 5.22 -3.48 7.04
CA ARG B 136 5.80 -3.98 8.29
C ARG B 136 7.25 -4.40 8.08
N ASP B 137 8.15 -3.78 8.81
CA ASP B 137 9.55 -4.18 8.87
C ASP B 137 9.76 -5.01 10.12
N VAL B 138 10.43 -6.15 9.96
CA VAL B 138 10.65 -7.11 11.02
C VAL B 138 12.12 -7.10 11.36
N TYR B 139 12.41 -6.91 12.66
CA TYR B 139 13.75 -6.91 13.20
C TYR B 139 13.87 -8.06 14.18
N LYS B 140 14.93 -8.85 14.04
CA LYS B 140 15.17 -10.01 14.87
C LYS B 140 16.63 -10.08 15.26
N TRP B 141 16.92 -10.09 16.55
CA TRP B 141 18.28 -10.44 16.90
C TRP B 141 18.28 -11.18 18.24
N GLU B 142 18.75 -12.42 18.16
CA GLU B 142 18.67 -13.42 19.21
C GLU B 142 17.22 -13.64 19.59
N GLY B 143 16.86 -13.24 20.80
CA GLY B 143 15.51 -13.45 21.27
C GLY B 143 14.63 -12.22 21.17
N LEU B 144 14.93 -11.36 20.20
CA LEU B 144 14.17 -10.12 19.98
C LEU B 144 13.47 -10.12 18.60
N LYS B 145 12.13 -10.17 18.61
CA LYS B 145 11.27 -9.56 17.58
C LYS B 145 11.00 -8.12 17.87
N LEU B 146 11.12 -7.29 16.87
CA LEU B 146 10.69 -5.91 16.91
C LEU B 146 9.95 -5.67 15.60
N GLU B 147 8.76 -5.10 15.62
CA GLU B 147 8.04 -4.81 14.37
C GLU B 147 7.79 -3.32 14.27
N VAL B 148 8.10 -2.74 13.11
CA VAL B 148 7.84 -1.32 12.82
C VAL B 148 6.87 -1.22 11.65
N ASP B 149 5.80 -0.46 11.84
CA ASP B 149 4.73 -0.35 10.86
C ASP B 149 4.63 1.07 10.31
N LYS B 150 4.40 1.14 9.00
CA LYS B 150 4.05 2.36 8.27
C LYS B 150 2.69 2.10 7.62
N THR B 151 1.62 2.68 8.15
CA THR B 151 0.27 2.41 7.68
C THR B 151 -0.18 3.52 6.75
N LEU B 152 -0.51 3.14 5.50
CA LEU B 152 -0.77 4.10 4.42
C LEU B 152 -2.27 4.35 4.25
N TYR B 153 -2.85 5.09 5.20
CA TYR B 153 -4.23 5.47 5.00
C TYR B 153 -4.36 6.56 3.92
N GLU B 154 -5.52 6.55 3.25
CA GLU B 154 -5.84 7.62 2.29
C GLU B 154 -5.69 9.00 2.93
N PHE B 155 -5.94 9.11 4.23
CA PHE B 155 -5.92 10.39 4.92
C PHE B 155 -4.59 10.69 5.58
N GLY B 156 -3.57 9.84 5.37
CA GLY B 156 -2.27 10.09 5.95
C GLY B 156 -1.57 8.84 6.46
N THR B 157 -0.31 9.00 6.87
CA THR B 157 0.49 7.86 7.28
C THR B 157 0.66 7.83 8.79
N ASN B 158 0.52 6.64 9.36
CA ASN B 158 0.82 6.44 10.78
C ASN B 158 2.00 5.49 10.91
N HIS B 159 2.81 5.69 11.95
CA HIS B 159 3.97 4.83 12.17
C HIS B 159 3.92 4.27 13.58
N GLU B 160 4.28 2.99 13.75
CA GLU B 160 4.15 2.33 15.03
C GLU B 160 5.28 1.35 15.31
N ILE B 161 5.64 1.20 16.58
CA ILE B 161 6.48 0.12 17.04
C ILE B 161 5.58 -0.86 17.78
N GLU B 162 5.85 -2.14 17.57
CA GLU B 162 5.18 -3.25 18.23
C GLU B 162 6.23 -4.23 18.70
N TYR B 163 6.25 -4.47 19.99
CA TYR B 163 7.14 -5.49 20.54
C TYR B 163 6.39 -6.42 21.47
N GLU B 164 6.26 -7.71 21.07
CA GLU B 164 5.58 -8.62 21.97
C GLU B 164 6.47 -9.21 23.08
N THR B 165 5.93 -9.09 24.28
CA THR B 165 6.48 -9.51 25.55
C THR B 165 5.32 -9.85 26.47
N SER B 166 5.57 -10.85 27.32
CA SER B 166 4.68 -11.16 28.43
C SER B 166 5.06 -10.36 29.67
N ASP B 167 6.14 -9.59 29.58
CA ASP B 167 6.58 -8.68 30.63
C ASP B 167 6.54 -7.25 30.07
N PRO B 168 5.34 -6.75 29.73
CA PRO B 168 5.22 -5.47 29.01
C PRO B 168 5.30 -4.29 29.95
N GLU B 169 6.30 -4.28 30.80
CA GLU B 169 6.27 -3.21 31.76
C GLU B 169 7.73 -3.06 32.15
N GLY B 170 8.38 -4.19 32.43
CA GLY B 170 9.84 -4.19 32.46
C GLY B 170 10.41 -3.81 31.10
N VAL B 171 9.85 -4.40 30.03
CA VAL B 171 10.31 -4.07 28.68
C VAL B 171 9.97 -2.62 28.35
N LYS B 172 8.85 -2.12 28.85
CA LYS B 172 8.40 -0.78 28.50
C LYS B 172 9.44 0.27 28.91
N LYS B 173 10.00 0.15 30.12
CA LYS B 173 10.98 1.12 30.60
C LYS B 173 12.18 1.17 29.65
N VAL B 174 12.72 0.00 29.35
CA VAL B 174 13.94 -0.09 28.58
C VAL B 174 13.71 0.43 27.17
N LEU B 175 12.60 0.02 26.56
CA LEU B 175 12.30 0.48 25.20
C LEU B 175 12.13 1.98 25.16
N GLU B 176 11.41 2.54 26.13
CA GLU B 176 11.13 3.98 26.13
C GLU B 176 12.42 4.81 26.23
N GLU B 177 13.29 4.46 27.21
CA GLU B 177 14.62 5.06 27.37
C GLU B 177 15.57 4.78 26.21
N PHE B 178 15.47 3.61 25.55
CA PHE B 178 16.19 3.41 24.29
C PHE B 178 15.79 4.48 23.26
N LEU B 179 14.48 4.70 23.10
CA LEU B 179 13.93 5.64 22.13
C LEU B 179 14.24 7.09 22.49
N LYS B 180 14.06 7.46 23.77
CA LYS B 180 14.41 8.80 24.24
C LYS B 180 15.89 9.10 24.00
N GLU B 181 16.76 8.19 24.48
CA GLU B 181 18.19 8.37 24.36
C GLU B 181 18.62 8.58 22.91
N ASN B 182 17.94 7.95 21.96
CA ASN B 182 18.38 7.99 20.58
C ASN B 182 17.53 8.93 19.72
N GLY B 183 16.70 9.77 20.33
CA GLY B 183 16.02 10.79 19.57
C GLY B 183 14.86 10.32 18.72
N ILE B 184 14.23 9.20 19.06
CA ILE B 184 13.03 8.74 18.38
C ILE B 184 11.84 9.24 19.21
N GLN B 185 11.09 10.21 18.70
CA GLN B 185 9.94 10.75 19.43
C GLN B 185 8.74 9.80 19.27
N TYR B 186 8.06 9.50 20.39
CA TYR B 186 6.97 8.53 20.38
C TYR B 186 5.92 8.91 21.42
N SER B 187 4.81 8.19 21.38
CA SER B 187 3.81 8.24 22.43
C SER B 187 3.15 6.87 22.48
N TYR B 188 2.22 6.71 23.41
CA TYR B 188 1.49 5.45 23.50
C TYR B 188 0.38 5.44 22.47
N SER B 189 0.32 4.38 21.66
CA SER B 189 -0.82 4.23 20.76
C SER B 189 -2.13 4.22 21.57
N GLN B 190 -3.11 4.94 21.05
CA GLN B 190 -4.39 5.06 21.72
C GLN B 190 -5.49 4.28 21.02
N ALA B 191 -5.22 3.68 19.87
CA ALA B 191 -6.22 3.05 19.01
C ALA B 191 -5.55 2.03 18.10
N SER B 192 -6.29 0.96 17.81
CA SER B 192 -5.84 -0.01 16.83
C SER B 192 -5.77 0.61 15.44
N LYS B 193 -5.03 -0.05 14.54
CA LYS B 193 -5.00 0.38 13.15
C LYS B 193 -6.40 0.44 12.56
N PHE B 194 -7.26 -0.54 12.92
CA PHE B 194 -8.63 -0.56 12.42
C PHE B 194 -9.47 0.61 12.93
N GLU B 195 -9.35 0.95 14.21
CA GLU B 195 -10.11 2.10 14.72
C GLU B 195 -9.67 3.40 14.06
N VAL B 196 -8.37 3.62 13.92
CA VAL B 196 -7.90 4.79 13.18
C VAL B 196 -8.49 4.80 11.78
N PHE B 197 -8.48 3.64 11.10
CA PHE B 197 -9.03 3.56 9.76
C PHE B 197 -10.50 3.99 9.74
N ARG B 198 -11.29 3.51 10.71
CA ARG B 198 -12.73 3.80 10.72
C ARG B 198 -12.99 5.27 11.06
N SER B 199 -12.08 5.90 11.82
CA SER B 199 -12.16 7.34 12.10
C SER B 199 -12.07 8.21 10.86
N LYS B 200 -11.42 7.72 9.80
CA LYS B 200 -11.15 8.52 8.60
C LYS B 200 -10.23 9.72 8.87
N LYS B 201 -9.42 9.65 9.95
CA LYS B 201 -8.50 10.73 10.32
C LYS B 201 -7.40 10.17 11.22
N LEU B 202 -6.20 10.77 11.12
CA LEU B 202 -5.12 10.43 12.04
C LEU B 202 -5.45 10.93 13.46
N PRO B 203 -5.14 10.15 14.49
CA PRO B 203 -5.42 10.60 15.85
C PRO B 203 -4.56 11.80 16.23
N GLN B 204 -5.01 12.52 17.25
CA GLN B 204 -4.22 13.65 17.72
C GLN B 204 -3.57 13.33 19.07
#